data_9IF2
#
_entry.id   9IF2
#
_cell.length_a   77.538
_cell.length_b   83.062
_cell.length_c   85.862
_cell.angle_alpha   90
_cell.angle_beta   90
_cell.angle_gamma   90
#
_symmetry.space_group_name_H-M   'P 21 21 21'
#
loop_
_entity.id
_entity.type
_entity.pdbx_description
1 polymer 'Proton-coupled zinc antiporter SLC30A1'
2 non-polymer 'ZINC ION'
3 non-polymer 'ACETATE ION'
4 water water
#
_entity_poly.entity_id   1
_entity_poly.type   'polypeptide(L)'
_entity_poly.pdbx_seq_one_letter_code
;TVPKQIDIRNLIKELRNVEGVEEVHELHVWQLAGSRIIATAHIKCEDPTSYMEVAKTIKDVFHNHGIHATTIQPEFASVG
;
_entity_poly.pdbx_strand_id   A,C,F,D,E,B
#
# COMPACT_ATOMS: atom_id res chain seq x y z
N VAL A 2 -18.30 25.15 12.51
CA VAL A 2 -17.94 25.37 11.07
C VAL A 2 -16.45 25.07 10.89
N PRO A 3 -15.95 23.84 11.21
CA PRO A 3 -14.54 23.52 11.07
C PRO A 3 -14.15 23.16 9.63
N LYS A 4 -12.91 23.49 9.23
CA LYS A 4 -12.53 23.37 7.83
C LYS A 4 -11.18 22.67 7.74
N GLN A 5 -11.05 21.82 6.71
CA GLN A 5 -9.80 21.20 6.30
C GLN A 5 -8.83 22.24 5.73
N ILE A 6 -7.57 22.19 6.19
CA ILE A 6 -6.50 23.00 5.63
C ILE A 6 -5.64 22.08 4.75
N ASP A 7 -4.66 22.68 4.06
CA ASP A 7 -3.63 21.94 3.38
C ASP A 7 -2.30 22.63 3.70
N ILE A 8 -1.60 22.12 4.71
CA ILE A 8 -0.25 22.58 5.02
C ILE A 8 0.71 22.01 3.97
N ARG A 9 1.44 22.91 3.29
CA ARG A 9 2.34 22.52 2.23
C ARG A 9 3.48 21.66 2.79
N ASN A 10 3.83 20.62 2.04
CA ASN A 10 4.98 19.77 2.30
C ASN A 10 4.72 18.80 3.45
N LEU A 11 3.59 18.92 4.16
CA LEU A 11 3.44 18.16 5.39
C LEU A 11 3.51 16.66 5.07
N ILE A 12 2.76 16.21 4.05
CA ILE A 12 2.72 14.77 3.78
C ILE A 12 4.07 14.30 3.24
N LYS A 13 4.76 15.17 2.51
CA LYS A 13 6.11 14.89 2.05
C LYS A 13 7.05 14.68 3.24
N GLU A 14 7.02 15.60 4.20
CA GLU A 14 7.88 15.50 5.37
C GLU A 14 7.55 14.22 6.16
N LEU A 15 6.26 13.88 6.24
CA LEU A 15 5.86 12.70 6.99
C LEU A 15 6.36 11.45 6.26
N ARG A 16 6.18 11.40 4.94
CA ARG A 16 6.61 10.25 4.15
C ARG A 16 8.12 10.15 4.18
N ASN A 17 8.77 11.26 4.52
CA ASN A 17 10.22 11.31 4.49
C ASN A 17 10.82 10.80 5.79
N VAL A 18 10.01 10.59 6.83
CA VAL A 18 10.53 10.08 8.09
C VAL A 18 11.03 8.64 7.91
N GLU A 19 12.28 8.38 8.26
CA GLU A 19 12.82 7.03 8.27
C GLU A 19 11.93 6.10 9.09
N GLY A 20 11.54 4.97 8.48
CA GLY A 20 10.71 3.94 9.11
C GLY A 20 9.23 4.13 8.74
N VAL A 21 8.92 5.22 8.00
CA VAL A 21 7.56 5.34 7.50
C VAL A 21 7.43 4.57 6.18
N GLU A 22 6.55 3.56 6.15
CA GLU A 22 6.31 2.78 4.94
C GLU A 22 5.19 3.40 4.09
N GLU A 23 4.27 4.14 4.70
CA GLU A 23 3.19 4.78 3.96
C GLU A 23 2.48 5.74 4.91
N VAL A 24 1.95 6.85 4.33
CA VAL A 24 1.02 7.72 5.02
C VAL A 24 -0.23 7.81 4.16
N HIS A 25 -1.42 7.60 4.75
CA HIS A 25 -2.65 7.92 4.06
C HIS A 25 -3.66 8.52 5.05
N GLU A 26 -4.78 9.03 4.53
CA GLU A 26 -5.86 9.59 5.34
C GLU A 26 -5.33 10.68 6.27
N LEU A 27 -4.43 11.51 5.76
CA LEU A 27 -4.00 12.69 6.45
C LEU A 27 -5.11 13.74 6.40
N HIS A 28 -5.52 14.25 7.57
CA HIS A 28 -6.46 15.36 7.62
C HIS A 28 -5.94 16.40 8.60
N VAL A 29 -6.01 17.67 8.19
CA VAL A 29 -5.61 18.75 9.05
C VAL A 29 -6.80 19.69 9.16
N TRP A 30 -7.26 19.94 10.39
CA TRP A 30 -8.45 20.75 10.61
C TRP A 30 -8.08 22.01 11.37
N GLN A 31 -8.71 23.12 10.95
CA GLN A 31 -8.70 24.37 11.69
C GLN A 31 -9.97 24.45 12.55
N LEU A 32 -9.79 24.32 13.87
CA LEU A 32 -10.85 24.56 14.82
C LEU A 32 -10.85 26.04 15.17
N ALA A 33 -12.03 26.58 15.51
CA ALA A 33 -12.18 27.97 15.90
C ALA A 33 -11.17 28.30 16.99
N GLY A 34 -10.79 29.58 17.08
CA GLY A 34 -9.78 30.05 18.01
C GLY A 34 -8.41 29.42 17.73
N SER A 35 -8.06 29.27 16.45
CA SER A 35 -6.67 29.19 16.02
C SER A 35 -6.05 27.79 16.17
N ARG A 36 -6.81 26.84 16.72
CA ARG A 36 -6.29 25.54 17.14
C ARG A 36 -6.35 24.55 15.99
N ILE A 37 -5.18 24.15 15.49
CA ILE A 37 -5.07 23.19 14.38
C ILE A 37 -4.82 21.77 14.90
N ILE A 38 -5.64 20.82 14.47
CA ILE A 38 -5.50 19.41 14.85
C ILE A 38 -5.29 18.58 13.58
N ALA A 39 -4.68 17.38 13.73
CA ALA A 39 -4.38 16.55 12.59
C ALA A 39 -4.58 15.06 12.90
N THR A 40 -5.00 14.29 11.90
CA THR A 40 -5.13 12.85 11.97
C THR A 40 -4.40 12.21 10.80
N ALA A 41 -3.89 10.99 10.97
CA ALA A 41 -3.29 10.29 9.86
C ALA A 41 -3.26 8.80 10.15
N HIS A 42 -3.19 7.98 9.08
CA HIS A 42 -2.80 6.57 9.19
C HIS A 42 -1.35 6.48 8.77
N ILE A 43 -0.56 5.73 9.54
CA ILE A 43 0.85 5.62 9.24
C ILE A 43 1.27 4.15 9.31
N LYS A 44 1.88 3.66 8.22
CA LYS A 44 2.26 2.26 8.13
C LYS A 44 3.73 2.12 8.48
N CYS A 45 4.07 1.11 9.28
CA CYS A 45 5.44 0.79 9.70
C CYS A 45 5.64 -0.72 9.65
N GLU A 46 6.92 -1.11 9.67
CA GLU A 46 7.32 -2.50 9.55
C GLU A 46 6.66 -3.34 10.64
N ASP A 47 6.71 -2.86 11.90
CA ASP A 47 6.14 -3.58 13.02
C ASP A 47 5.97 -2.65 14.21
N PRO A 48 5.29 -3.10 15.30
CA PRO A 48 5.13 -2.28 16.51
C PRO A 48 6.39 -1.61 17.03
N THR A 49 7.51 -2.33 17.02
CA THR A 49 8.76 -1.81 17.59
C THR A 49 9.22 -0.61 16.77
N SER A 50 9.20 -0.73 15.42
CA SER A 50 9.63 0.35 14.56
CA SER A 50 9.64 0.35 14.55
CA SER A 50 9.63 0.35 14.56
C SER A 50 8.76 1.57 14.78
N TYR A 51 7.45 1.32 14.96
CA TYR A 51 6.49 2.39 15.11
C TYR A 51 6.82 3.20 16.36
N MET A 52 7.13 2.54 17.48
CA MET A 52 7.44 3.24 18.73
C MET A 52 8.58 4.22 18.46
N GLU A 53 9.59 3.75 17.72
CA GLU A 53 10.77 4.56 17.42
C GLU A 53 10.39 5.79 16.57
N VAL A 54 9.46 5.64 15.62
CA VAL A 54 9.21 6.70 14.67
C VAL A 54 8.06 7.60 15.13
N ALA A 55 7.31 7.18 16.16
CA ALA A 55 6.17 7.95 16.62
C ALA A 55 6.63 9.34 17.08
N LYS A 56 7.77 9.41 17.77
CA LYS A 56 8.28 10.66 18.29
C LYS A 56 8.62 11.61 17.14
N THR A 57 9.29 11.06 16.11
CA THR A 57 9.71 11.84 14.97
C THR A 57 8.49 12.42 14.27
N ILE A 58 7.45 11.59 14.15
CA ILE A 58 6.23 12.02 13.48
C ILE A 58 5.63 13.16 14.27
N LYS A 59 5.56 13.02 15.59
CA LYS A 59 4.98 14.03 16.46
C LYS A 59 5.75 15.34 16.27
N ASP A 60 7.08 15.24 16.11
CA ASP A 60 7.91 16.42 15.88
C ASP A 60 7.55 17.10 14.56
N VAL A 61 7.36 16.27 13.52
CA VAL A 61 7.04 16.81 12.22
C VAL A 61 5.80 17.69 12.37
N PHE A 62 4.78 17.18 13.09
CA PHE A 62 3.55 17.93 13.27
C PHE A 62 3.82 19.20 14.09
N HIS A 63 4.62 19.03 15.14
CA HIS A 63 4.94 20.12 16.07
C HIS A 63 5.64 21.24 15.30
N ASN A 64 6.49 20.90 14.32
CA ASN A 64 7.17 21.89 13.51
C ASN A 64 6.17 22.75 12.73
N HIS A 65 4.96 22.24 12.55
CA HIS A 65 3.95 23.05 11.86
C HIS A 65 2.99 23.65 12.89
N GLY A 66 3.38 23.67 14.17
CA GLY A 66 2.53 24.24 15.22
C GLY A 66 1.39 23.31 15.64
N ILE A 67 1.43 22.03 15.24
CA ILE A 67 0.31 21.15 15.55
C ILE A 67 0.66 20.28 16.74
N HIS A 68 -0.18 20.39 17.77
CA HIS A 68 0.07 19.76 19.05
C HIS A 68 -0.86 18.56 19.28
N ALA A 69 -2.04 18.57 18.67
CA ALA A 69 -3.05 17.55 18.95
C ALA A 69 -3.23 16.69 17.69
N THR A 70 -2.85 15.42 17.84
CA THR A 70 -2.89 14.49 16.72
C THR A 70 -3.58 13.19 17.12
N THR A 71 -4.17 12.52 16.11
CA THR A 71 -4.65 11.17 16.33
C THR A 71 -4.10 10.33 15.19
N ILE A 72 -3.21 9.41 15.54
CA ILE A 72 -2.43 8.72 14.54
C ILE A 72 -2.72 7.23 14.68
N GLN A 73 -3.23 6.64 13.59
CA GLN A 73 -3.52 5.22 13.54
C GLN A 73 -2.36 4.48 12.89
N PRO A 74 -1.63 3.65 13.67
CA PRO A 74 -0.53 2.89 13.10
C PRO A 74 -1.05 1.64 12.41
N GLU A 75 -0.45 1.33 11.26
CA GLU A 75 -0.74 0.07 10.57
C GLU A 75 0.61 -0.64 10.43
N PHE A 76 0.61 -1.96 10.61
CA PHE A 76 1.89 -2.66 10.62
C PHE A 76 1.95 -3.68 9.51
N ALA A 77 3.13 -3.79 8.87
CA ALA A 77 3.38 -4.88 7.94
C ALA A 77 3.38 -6.21 8.69
N SER A 78 4.05 -6.26 9.85
CA SER A 78 4.09 -7.42 10.74
C SER A 78 3.67 -7.01 12.15
N VAL A 79 2.85 -7.83 12.82
CA VAL A 79 2.91 -7.83 14.27
C VAL A 79 4.00 -8.83 14.69
N GLY A 80 5.25 -8.32 14.75
CA GLY A 80 6.43 -9.04 15.24
C GLY A 80 7.45 -9.30 14.13
N THR B 1 35.58 4.37 5.96
CA THR B 1 34.70 3.17 5.85
C THR B 1 33.28 3.55 6.26
N VAL B 2 33.13 4.67 6.99
CA VAL B 2 31.81 5.10 7.46
C VAL B 2 31.04 5.73 6.28
N PRO B 3 29.85 5.19 5.92
CA PRO B 3 29.11 5.63 4.74
C PRO B 3 28.30 6.90 4.97
N LYS B 4 28.13 7.69 3.90
CA LYS B 4 27.41 8.95 3.95
C LYS B 4 26.28 8.92 2.91
N GLN B 5 25.08 9.34 3.30
CA GLN B 5 23.91 9.23 2.43
C GLN B 5 23.78 10.44 1.52
N ILE B 6 23.72 10.22 0.19
CA ILE B 6 23.63 11.33 -0.76
C ILE B 6 22.25 11.32 -1.41
N ASP B 7 22.03 12.26 -2.32
CA ASP B 7 20.70 12.55 -2.81
C ASP B 7 20.81 12.83 -4.31
N ILE B 8 20.63 11.81 -5.12
CA ILE B 8 20.82 11.92 -6.55
C ILE B 8 19.59 12.57 -7.17
N ARG B 9 19.82 13.65 -7.92
CA ARG B 9 18.76 14.39 -8.59
C ARG B 9 18.00 13.51 -9.60
N ASN B 10 16.68 13.62 -9.57
CA ASN B 10 15.76 13.02 -10.52
C ASN B 10 15.59 11.51 -10.30
N LEU B 11 16.39 10.91 -9.41
CA LEU B 11 16.43 9.46 -9.34
C LEU B 11 15.04 8.92 -9.00
N ILE B 12 14.40 9.50 -7.97
CA ILE B 12 13.12 8.99 -7.52
C ILE B 12 12.05 9.23 -8.57
N LYS B 13 12.18 10.35 -9.29
CA LYS B 13 11.28 10.64 -10.40
C LYS B 13 11.39 9.56 -11.47
N GLU B 14 12.63 9.27 -11.88
CA GLU B 14 12.86 8.24 -12.90
C GLU B 14 12.35 6.88 -12.42
N LEU B 15 12.50 6.58 -11.13
CA LEU B 15 12.04 5.30 -10.60
C LEU B 15 10.53 5.23 -10.63
N ARG B 16 9.87 6.32 -10.20
CA ARG B 16 8.41 6.39 -10.21
C ARG B 16 7.90 6.30 -11.64
N ASN B 17 8.77 6.66 -12.58
CA ASN B 17 8.38 6.70 -13.98
C ASN B 17 8.46 5.33 -14.66
N VAL B 18 9.10 4.36 -14.02
CA VAL B 18 9.26 3.04 -14.62
C VAL B 18 7.91 2.34 -14.69
N GLU B 19 7.53 1.88 -15.88
CA GLU B 19 6.30 1.14 -16.06
C GLU B 19 6.27 -0.05 -15.14
N GLY B 20 5.16 -0.20 -14.40
CA GLY B 20 4.92 -1.28 -13.45
C GLY B 20 5.24 -0.84 -12.02
N VAL B 21 5.92 0.28 -11.86
CA VAL B 21 6.21 0.76 -10.52
C VAL B 21 5.04 1.62 -10.05
N GLU B 22 4.36 1.16 -8.99
CA GLU B 22 3.16 1.79 -8.49
C GLU B 22 3.50 2.84 -7.44
N GLU B 23 4.63 2.70 -6.73
CA GLU B 23 5.04 3.68 -5.74
C GLU B 23 6.46 3.36 -5.30
N VAL B 24 7.20 4.36 -4.81
CA VAL B 24 8.57 4.24 -4.34
C VAL B 24 8.67 4.90 -2.96
N HIS B 25 9.27 4.23 -1.94
CA HIS B 25 9.63 4.88 -0.68
C HIS B 25 10.96 4.27 -0.19
N GLU B 26 11.48 4.78 0.92
CA GLU B 26 12.70 4.31 1.57
C GLU B 26 13.84 4.19 0.54
N LEU B 27 13.95 5.20 -0.34
CA LEU B 27 15.09 5.26 -1.22
C LEU B 27 16.29 5.75 -0.43
N HIS B 28 17.40 4.99 -0.45
CA HIS B 28 18.62 5.45 0.19
C HIS B 28 19.79 5.22 -0.75
N VAL B 29 20.61 6.28 -0.89
CA VAL B 29 21.78 6.17 -1.73
C VAL B 29 23.01 6.44 -0.87
N TRP B 30 23.94 5.48 -0.81
CA TRP B 30 25.08 5.58 0.08
C TRP B 30 26.38 5.67 -0.72
N GLN B 31 27.27 6.53 -0.22
CA GLN B 31 28.65 6.61 -0.65
C GLN B 31 29.53 5.77 0.28
N LEU B 32 30.01 4.62 -0.22
CA LEU B 32 31.01 3.83 0.47
C LEU B 32 32.38 4.36 0.08
N ALA B 33 33.35 4.22 0.99
CA ALA B 33 34.71 4.68 0.74
C ALA B 33 35.22 4.09 -0.57
N GLY B 34 36.18 4.78 -1.20
CA GLY B 34 36.69 4.38 -2.50
C GLY B 34 35.62 4.44 -3.59
N SER B 35 34.75 5.46 -3.53
CA SER B 35 34.04 5.96 -4.70
C SER B 35 32.79 5.13 -5.05
N ARG B 36 32.54 4.05 -4.31
CA ARG B 36 31.52 3.06 -4.65
C ARG B 36 30.15 3.46 -4.08
N ILE B 37 29.21 3.81 -4.96
CA ILE B 37 27.86 4.18 -4.59
C ILE B 37 26.90 2.97 -4.65
N ILE B 38 26.15 2.73 -3.57
CA ILE B 38 25.12 1.71 -3.54
C ILE B 38 23.76 2.33 -3.26
N ALA B 39 22.66 1.63 -3.58
CA ALA B 39 21.33 2.14 -3.28
C ALA B 39 20.36 1.04 -2.85
N THR B 40 19.37 1.41 -2.03
CA THR B 40 18.25 0.55 -1.68
C THR B 40 16.93 1.29 -1.89
N ALA B 41 15.86 0.56 -2.16
CA ALA B 41 14.56 1.20 -2.24
C ALA B 41 13.47 0.15 -2.03
N HIS B 42 12.31 0.61 -1.57
CA HIS B 42 11.12 -0.21 -1.55
C HIS B 42 10.23 0.25 -2.69
N ILE B 43 9.64 -0.71 -3.38
CA ILE B 43 8.92 -0.41 -4.60
C ILE B 43 7.63 -1.22 -4.55
N LYS B 44 6.50 -0.54 -4.78
CA LYS B 44 5.21 -1.21 -4.84
C LYS B 44 4.90 -1.64 -6.29
N CYS B 45 4.44 -2.88 -6.45
CA CYS B 45 4.17 -3.46 -7.75
C CYS B 45 2.94 -4.32 -7.62
N GLU B 46 2.41 -4.74 -8.79
CA GLU B 46 1.13 -5.43 -8.77
C GLU B 46 1.25 -6.72 -7.98
N ASP B 47 2.29 -7.50 -8.30
CA ASP B 47 2.45 -8.85 -7.76
C ASP B 47 3.87 -9.35 -8.06
N PRO B 48 4.30 -10.49 -7.47
CA PRO B 48 5.65 -11.02 -7.72
C PRO B 48 6.04 -11.14 -9.20
N THR B 49 5.10 -11.55 -10.06
CA THR B 49 5.38 -11.74 -11.47
C THR B 49 5.76 -10.40 -12.11
N SER B 50 4.99 -9.34 -11.83
CA SER B 50 5.26 -8.01 -12.38
C SER B 50 6.63 -7.54 -11.93
N TYR B 51 6.99 -7.84 -10.68
CA TYR B 51 8.29 -7.45 -10.15
C TYR B 51 9.40 -8.05 -11.01
N MET B 52 9.31 -9.36 -11.33
CA MET B 52 10.36 -10.01 -12.08
C MET B 52 10.58 -9.26 -13.38
N GLU B 53 9.47 -8.86 -14.01
CA GLU B 53 9.50 -8.15 -15.29
C GLU B 53 10.18 -6.80 -15.15
N VAL B 54 9.95 -6.08 -14.05
CA VAL B 54 10.40 -4.70 -13.97
C VAL B 54 11.75 -4.60 -13.25
N ALA B 55 12.25 -5.72 -12.68
CA ALA B 55 13.47 -5.66 -11.90
C ALA B 55 14.62 -5.11 -12.74
N LYS B 56 14.73 -5.61 -13.97
CA LYS B 56 15.79 -5.22 -14.89
C LYS B 56 15.72 -3.71 -15.17
N THR B 57 14.51 -3.20 -15.44
CA THR B 57 14.31 -1.80 -15.79
C THR B 57 14.75 -0.93 -14.62
N ILE B 58 14.36 -1.36 -13.41
CA ILE B 58 14.71 -0.62 -12.21
C ILE B 58 16.23 -0.55 -12.11
N LYS B 59 16.88 -1.71 -12.28
CA LYS B 59 18.33 -1.81 -12.16
C LYS B 59 18.96 -0.88 -13.19
N ASP B 60 18.39 -0.78 -14.39
CA ASP B 60 18.88 0.12 -15.43
C ASP B 60 18.79 1.57 -14.99
N VAL B 61 17.68 1.92 -14.35
CA VAL B 61 17.52 3.29 -13.90
C VAL B 61 18.70 3.65 -12.99
N PHE B 62 19.05 2.75 -12.08
CA PHE B 62 20.16 2.99 -11.16
C PHE B 62 21.47 3.02 -11.94
N HIS B 63 21.61 2.09 -12.89
CA HIS B 63 22.81 1.97 -13.70
C HIS B 63 23.02 3.25 -14.48
N ASN B 64 21.96 3.90 -14.95
CA ASN B 64 22.07 5.19 -15.63
C ASN B 64 22.73 6.24 -14.75
N HIS B 65 22.71 6.04 -13.45
CA HIS B 65 23.40 6.97 -12.56
C HIS B 65 24.71 6.39 -12.08
N GLY B 66 25.20 5.34 -12.76
CA GLY B 66 26.47 4.72 -12.40
C GLY B 66 26.36 3.82 -11.16
N ILE B 67 25.14 3.45 -10.76
CA ILE B 67 24.99 2.63 -9.57
C ILE B 67 24.78 1.18 -9.96
N HIS B 68 25.70 0.32 -9.50
CA HIS B 68 25.77 -1.07 -9.91
C HIS B 68 25.26 -2.04 -8.83
N ALA B 69 25.27 -1.63 -7.57
CA ALA B 69 24.82 -2.51 -6.50
C ALA B 69 23.59 -1.90 -5.82
N THR B 70 22.49 -2.63 -5.88
CA THR B 70 21.21 -2.22 -5.37
C THR B 70 20.56 -3.35 -4.57
N THR B 71 19.63 -2.95 -3.68
CA THR B 71 18.75 -3.94 -3.07
C THR B 71 17.39 -3.31 -3.16
N ILE B 72 16.50 -3.95 -3.92
CA ILE B 72 15.15 -3.47 -4.05
C ILE B 72 14.17 -4.42 -3.40
N GLN B 73 13.38 -3.90 -2.48
CA GLN B 73 12.33 -4.66 -1.83
C GLN B 73 11.01 -4.38 -2.52
N PRO B 74 10.43 -5.38 -3.21
CA PRO B 74 9.11 -5.20 -3.78
C PRO B 74 8.04 -5.39 -2.72
N GLU B 75 6.99 -4.57 -2.78
CA GLU B 75 5.79 -4.80 -1.98
C GLU B 75 4.61 -4.86 -2.94
N PHE B 76 3.58 -5.64 -2.64
CA PHE B 76 2.65 -6.06 -3.68
C PHE B 76 1.23 -5.60 -3.39
N ALA B 77 0.51 -5.25 -4.47
CA ALA B 77 -0.92 -4.93 -4.38
C ALA B 77 -1.80 -6.00 -3.71
N SER B 78 -2.82 -5.48 -3.00
CA SER B 78 -3.69 -6.22 -2.10
C SER B 78 -5.18 -5.93 -2.38
N VAL B 79 -5.76 -6.61 -3.38
CA VAL B 79 -7.22 -6.60 -3.55
C VAL B 79 -7.84 -7.38 -2.38
N GLN C 5 -4.81 4.81 -27.26
CA GLN C 5 -4.54 5.23 -25.86
C GLN C 5 -4.29 6.74 -25.81
N ILE C 6 -5.04 7.44 -24.96
CA ILE C 6 -5.00 8.90 -24.87
C ILE C 6 -4.31 9.26 -23.55
N ASP C 7 -4.14 10.57 -23.32
CA ASP C 7 -3.58 11.06 -22.09
C ASP C 7 -4.42 12.24 -21.62
N ILE C 8 -5.37 11.97 -20.71
CA ILE C 8 -6.22 13.03 -20.20
C ILE C 8 -5.48 13.75 -19.06
N ARG C 9 -5.20 15.04 -19.28
CA ARG C 9 -4.54 15.87 -18.29
C ARG C 9 -5.45 16.06 -17.08
N ASN C 10 -4.84 16.04 -15.89
CA ASN C 10 -5.48 16.34 -14.63
C ASN C 10 -6.32 15.17 -14.14
N LEU C 11 -6.60 14.16 -14.98
CA LEU C 11 -7.56 13.14 -14.58
C LEU C 11 -7.03 12.42 -13.34
N ILE C 12 -5.75 12.01 -13.37
CA ILE C 12 -5.23 11.24 -12.26
C ILE C 12 -5.11 12.09 -11.02
N LYS C 13 -4.83 13.39 -11.20
CA LYS C 13 -4.79 14.34 -10.10
C LYS C 13 -6.18 14.42 -9.44
N GLU C 14 -7.21 14.61 -10.26
CA GLU C 14 -8.57 14.70 -9.74
C GLU C 14 -8.97 13.41 -9.03
N LEU C 15 -8.53 12.26 -9.58
CA LEU C 15 -8.87 10.97 -8.95
C LEU C 15 -8.17 10.85 -7.60
N ARG C 16 -6.89 11.22 -7.55
CA ARG C 16 -6.11 11.15 -6.32
C ARG C 16 -6.69 12.11 -5.31
N ASN C 17 -7.42 13.11 -5.80
CA ASN C 17 -7.95 14.16 -4.94
C ASN C 17 -9.28 13.75 -4.30
N VAL C 18 -9.91 12.68 -4.76
CA VAL C 18 -11.20 12.28 -4.23
C VAL C 18 -11.03 11.79 -2.79
N GLU C 19 -11.82 12.35 -1.87
CA GLU C 19 -11.87 11.90 -0.48
C GLU C 19 -12.07 10.39 -0.42
N GLY C 20 -11.18 9.71 0.33
CA GLY C 20 -11.23 8.27 0.56
C GLY C 20 -10.30 7.51 -0.41
N VAL C 21 -9.79 8.19 -1.45
CA VAL C 21 -8.89 7.54 -2.35
C VAL C 21 -7.47 7.65 -1.80
N GLU C 22 -6.87 6.49 -1.50
CA GLU C 22 -5.56 6.40 -0.91
C GLU C 22 -4.47 6.32 -1.97
N GLU C 23 -4.79 5.80 -3.14
CA GLU C 23 -3.81 5.70 -4.21
C GLU C 23 -4.55 5.35 -5.49
N VAL C 24 -3.98 5.77 -6.62
CA VAL C 24 -4.43 5.45 -7.94
C VAL C 24 -3.19 4.95 -8.68
N HIS C 25 -3.28 3.76 -9.33
CA HIS C 25 -2.26 3.39 -10.31
C HIS C 25 -2.93 2.71 -11.50
N GLU C 26 -2.14 2.44 -12.54
CA GLU C 26 -2.58 1.70 -13.72
C GLU C 26 -3.79 2.36 -14.32
N LEU C 27 -3.78 3.70 -14.38
CA LEU C 27 -4.82 4.40 -15.09
C LEU C 27 -4.54 4.30 -16.58
N HIS C 28 -5.52 3.83 -17.36
CA HIS C 28 -5.39 3.80 -18.81
C HIS C 28 -6.67 4.32 -19.44
N VAL C 29 -6.49 5.20 -20.44
CA VAL C 29 -7.62 5.76 -21.14
C VAL C 29 -7.47 5.41 -22.60
N TRP C 30 -8.50 4.75 -23.16
CA TRP C 30 -8.47 4.31 -24.54
C TRP C 30 -9.51 5.04 -25.37
N GLN C 31 -9.12 5.36 -26.60
CA GLN C 31 -10.03 5.81 -27.65
C GLN C 31 -10.41 4.62 -28.52
N LEU C 32 -11.66 4.16 -28.40
CA LEU C 32 -12.21 3.18 -29.33
C LEU C 32 -12.81 3.96 -30.51
N ALA C 33 -12.83 3.34 -31.70
CA ALA C 33 -13.03 4.05 -32.97
C ALA C 33 -13.62 5.46 -32.82
N GLY C 34 -12.71 6.45 -32.71
CA GLY C 34 -12.88 7.84 -33.04
C GLY C 34 -14.10 8.49 -32.39
N SER C 35 -14.33 8.18 -31.10
CA SER C 35 -15.64 8.42 -30.50
C SER C 35 -15.69 8.00 -29.03
N ARG C 36 -15.78 6.68 -28.79
CA ARG C 36 -16.11 6.12 -27.48
C ARG C 36 -14.83 5.93 -26.64
N ILE C 37 -14.71 6.73 -25.57
CA ILE C 37 -13.56 6.69 -24.67
C ILE C 37 -13.88 5.82 -23.46
N ILE C 38 -12.99 4.85 -23.19
CA ILE C 38 -13.09 3.93 -22.06
C ILE C 38 -11.90 4.18 -21.14
N ALA C 39 -12.08 3.92 -19.82
CA ALA C 39 -10.96 4.09 -18.90
C ALA C 39 -10.93 2.99 -17.86
N THR C 40 -9.72 2.62 -17.41
CA THR C 40 -9.53 1.56 -16.42
C THR C 40 -8.54 2.08 -15.39
N ALA C 41 -8.67 1.61 -14.14
CA ALA C 41 -7.78 2.11 -13.12
C ALA C 41 -7.81 1.16 -11.93
N HIS C 42 -6.72 1.15 -11.16
CA HIS C 42 -6.68 0.49 -9.86
C HIS C 42 -6.79 1.60 -8.82
N ILE C 43 -7.63 1.40 -7.82
CA ILE C 43 -7.88 2.44 -6.85
C ILE C 43 -7.83 1.84 -5.46
N LYS C 44 -6.92 2.38 -4.62
CA LYS C 44 -6.78 1.89 -3.25
C LYS C 44 -7.66 2.72 -2.32
N CYS C 45 -8.39 2.02 -1.44
CA CYS C 45 -9.19 2.59 -0.38
C CYS C 45 -8.85 1.87 0.92
N GLU C 46 -9.36 2.41 2.04
CA GLU C 46 -9.15 1.81 3.34
C GLU C 46 -9.63 0.35 3.33
N ASP C 47 -10.84 0.11 2.82
CA ASP C 47 -11.48 -1.18 2.91
C ASP C 47 -12.70 -1.22 1.98
N PRO C 48 -13.30 -2.42 1.76
CA PRO C 48 -14.45 -2.54 0.85
C PRO C 48 -15.57 -1.53 1.10
N THR C 49 -15.87 -1.26 2.39
CA THR C 49 -16.98 -0.37 2.72
C THR C 49 -16.68 1.04 2.21
N SER C 50 -15.45 1.55 2.43
CA SER C 50 -15.08 2.89 2.00
C SER C 50 -15.21 2.98 0.47
N TYR C 51 -14.81 1.90 -0.20
CA TYR C 51 -14.85 1.89 -1.66
C TYR C 51 -16.28 2.11 -2.16
N MET C 52 -17.24 1.38 -1.57
CA MET C 52 -18.62 1.47 -2.02
C MET C 52 -19.06 2.93 -1.94
N GLU C 53 -18.68 3.60 -0.85
CA GLU C 53 -19.07 4.98 -0.61
C GLU C 53 -18.47 5.92 -1.66
N VAL C 54 -17.23 5.67 -2.10
CA VAL C 54 -16.56 6.64 -2.95
C VAL C 54 -16.69 6.27 -4.43
N ALA C 55 -17.29 5.10 -4.72
CA ALA C 55 -17.35 4.63 -6.09
C ALA C 55 -18.08 5.65 -6.96
N LYS C 56 -19.19 6.17 -6.47
CA LYS C 56 -19.97 7.14 -7.24
C LYS C 56 -19.15 8.41 -7.54
N THR C 57 -18.40 8.91 -6.55
CA THR C 57 -17.57 10.10 -6.74
C THR C 57 -16.54 9.84 -7.84
N ILE C 58 -15.92 8.66 -7.78
CA ILE C 58 -14.91 8.31 -8.75
C ILE C 58 -15.56 8.30 -10.14
N LYS C 59 -16.74 7.68 -10.26
CA LYS C 59 -17.45 7.59 -11.51
C LYS C 59 -17.73 9.01 -12.05
N ASP C 60 -18.06 9.93 -11.15
CA ASP C 60 -18.31 11.33 -11.51
C ASP C 60 -17.05 11.98 -12.07
N VAL C 61 -15.92 11.69 -11.44
CA VAL C 61 -14.67 12.27 -11.89
C VAL C 61 -14.49 11.91 -13.36
N PHE C 62 -14.70 10.63 -13.68
CA PHE C 62 -14.55 10.17 -15.06
C PHE C 62 -15.59 10.84 -15.95
N HIS C 63 -16.82 10.91 -15.45
CA HIS C 63 -17.93 11.48 -16.18
C HIS C 63 -17.63 12.94 -16.53
N ASN C 64 -16.97 13.69 -15.62
CA ASN C 64 -16.64 15.08 -15.88
C ASN C 64 -15.71 15.17 -17.09
N HIS C 65 -15.04 14.07 -17.44
CA HIS C 65 -14.18 14.11 -18.62
C HIS C 65 -14.87 13.42 -19.78
N GLY C 66 -16.20 13.25 -19.71
CA GLY C 66 -16.94 12.63 -20.80
C GLY C 66 -16.81 11.09 -20.82
N ILE C 67 -16.25 10.48 -19.76
CA ILE C 67 -16.04 9.04 -19.81
C ILE C 67 -17.16 8.32 -19.04
N HIS C 68 -17.88 7.47 -19.76
CA HIS C 68 -19.05 6.78 -19.25
C HIS C 68 -18.78 5.29 -18.96
N ALA C 69 -17.75 4.73 -19.59
CA ALA C 69 -17.48 3.29 -19.46
C ALA C 69 -16.13 3.10 -18.76
N THR C 70 -16.20 2.52 -17.55
CA THR C 70 -14.97 2.37 -16.77
C THR C 70 -14.83 0.94 -16.24
N THR C 71 -13.60 0.55 -15.94
CA THR C 71 -13.38 -0.72 -15.24
C THR C 71 -12.43 -0.39 -14.10
N ILE C 72 -12.90 -0.50 -12.88
CA ILE C 72 -12.12 -0.09 -11.74
C ILE C 72 -11.82 -1.28 -10.85
N GLN C 73 -10.53 -1.54 -10.62
CA GLN C 73 -10.13 -2.56 -9.67
C GLN C 73 -9.82 -1.90 -8.33
N PRO C 74 -10.64 -2.15 -7.29
CA PRO C 74 -10.37 -1.64 -5.97
C PRO C 74 -9.34 -2.46 -5.24
N GLU C 75 -8.40 -1.80 -4.57
CA GLU C 75 -7.43 -2.45 -3.70
C GLU C 75 -7.53 -1.84 -2.29
N PHE C 76 -7.19 -2.57 -1.25
CA PHE C 76 -7.57 -2.20 0.11
C PHE C 76 -6.34 -2.15 1.00
N ALA C 77 -6.30 -1.15 1.90
CA ALA C 77 -5.36 -1.15 3.02
C ALA C 77 -5.71 -2.31 3.97
N SER C 78 -7.00 -2.47 4.28
CA SER C 78 -7.54 -3.24 5.39
C SER C 78 -8.74 -4.09 4.96
N VAL C 79 -9.28 -4.85 5.94
CA VAL C 79 -10.40 -5.77 5.79
C VAL C 79 -10.04 -6.79 4.69
N GLN D 5 28.49 -4.70 17.47
CA GLN D 5 28.68 -6.16 17.23
C GLN D 5 27.33 -6.88 17.32
N ILE D 6 27.01 -7.65 16.27
CA ILE D 6 25.72 -8.32 16.11
C ILE D 6 25.97 -9.83 16.27
N ASP D 7 24.94 -10.66 16.01
CA ASP D 7 25.19 -12.08 15.77
C ASP D 7 24.79 -12.62 14.39
N ILE D 8 25.63 -12.18 13.44
CA ILE D 8 25.50 -12.29 12.01
C ILE D 8 25.58 -13.75 11.62
N ARG D 9 26.45 -14.48 12.30
CA ARG D 9 26.65 -15.90 12.12
C ARG D 9 25.35 -16.70 12.31
N ASN D 10 24.67 -16.48 13.44
CA ASN D 10 23.43 -17.13 13.82
C ASN D 10 22.27 -16.65 12.94
N LEU D 11 22.28 -15.32 12.71
CA LEU D 11 21.27 -14.68 11.90
C LEU D 11 21.25 -15.33 10.52
N ILE D 12 22.44 -15.49 9.88
CA ILE D 12 22.42 -15.95 8.50
C ILE D 12 22.01 -17.42 8.46
N LYS D 13 22.36 -18.18 9.52
CA LYS D 13 21.92 -19.56 9.64
C LYS D 13 20.39 -19.62 9.71
N GLU D 14 19.80 -18.82 10.59
CA GLU D 14 18.35 -18.82 10.72
C GLU D 14 17.68 -18.37 9.42
N LEU D 15 18.29 -17.44 8.69
CA LEU D 15 17.72 -16.97 7.43
C LEU D 15 17.77 -18.07 6.38
N ARG D 16 18.92 -18.75 6.31
CA ARG D 16 19.11 -19.87 5.36
CA ARG D 16 19.12 -19.87 5.37
C ARG D 16 18.13 -20.98 5.72
N ASN D 17 17.69 -20.99 6.97
CA ASN D 17 16.84 -22.06 7.47
C ASN D 17 15.37 -21.88 7.14
N VAL D 18 15.01 -20.68 6.68
CA VAL D 18 13.60 -20.39 6.44
C VAL D 18 13.12 -21.17 5.23
N GLU D 19 12.01 -21.90 5.38
CA GLU D 19 11.38 -22.61 4.27
C GLU D 19 11.14 -21.66 3.10
N GLY D 20 11.59 -22.10 1.92
CA GLY D 20 11.46 -21.39 0.66
C GLY D 20 12.76 -20.67 0.31
N VAL D 21 13.67 -20.53 1.29
CA VAL D 21 14.89 -19.78 1.00
C VAL D 21 15.92 -20.74 0.43
N GLU D 22 16.33 -20.49 -0.82
CA GLU D 22 17.32 -21.35 -1.47
C GLU D 22 18.73 -20.87 -1.19
N GLU D 23 18.90 -19.55 -0.97
CA GLU D 23 20.22 -18.98 -0.83
C GLU D 23 20.07 -17.53 -0.37
N VAL D 24 21.07 -17.02 0.34
CA VAL D 24 21.12 -15.70 0.91
C VAL D 24 22.48 -15.11 0.56
N HIS D 25 22.50 -13.88 -0.02
CA HIS D 25 23.74 -13.17 -0.26
C HIS D 25 23.51 -11.68 0.01
N GLU D 26 24.59 -10.89 -0.03
CA GLU D 26 24.54 -9.45 0.16
C GLU D 26 23.78 -9.09 1.44
N LEU D 27 24.06 -9.83 2.50
CA LEU D 27 23.49 -9.51 3.79
C LEU D 27 24.31 -8.36 4.37
N HIS D 28 23.64 -7.28 4.77
CA HIS D 28 24.33 -6.19 5.46
C HIS D 28 23.50 -5.77 6.67
N VAL D 29 24.17 -5.66 7.81
CA VAL D 29 23.52 -5.19 9.01
C VAL D 29 24.28 -3.96 9.50
N TRP D 30 23.57 -2.84 9.62
CA TRP D 30 24.19 -1.56 9.91
C TRP D 30 23.63 -1.00 11.21
N GLN D 31 24.52 -0.42 12.02
CA GLN D 31 24.11 0.56 13.00
C GLN D 31 25.16 1.64 12.89
N LEU D 32 24.93 2.54 11.95
CA LEU D 32 25.87 3.63 11.69
C LEU D 32 25.38 4.81 12.52
N ALA D 33 24.05 4.99 12.50
CA ALA D 33 23.42 6.07 13.22
C ALA D 33 23.85 6.02 14.68
N GLY D 34 23.78 7.17 15.37
CA GLY D 34 23.61 7.25 16.82
C GLY D 34 22.64 6.22 17.40
N SER D 35 21.65 5.80 16.60
CA SER D 35 20.97 4.54 16.84
C SER D 35 20.20 3.99 15.62
N ARG D 36 19.46 2.89 15.84
CA ARG D 36 18.59 2.27 14.84
C ARG D 36 19.39 1.30 13.98
N ILE D 37 19.09 0.00 14.10
CA ILE D 37 19.74 -1.05 13.33
C ILE D 37 18.90 -1.38 12.09
N ILE D 38 19.56 -1.39 10.94
CA ILE D 38 18.97 -1.63 9.62
C ILE D 38 19.64 -2.87 9.04
N ALA D 39 18.93 -3.56 8.16
CA ALA D 39 19.48 -4.72 7.50
C ALA D 39 18.91 -4.84 6.10
N THR D 40 19.78 -5.28 5.17
CA THR D 40 19.34 -5.63 3.82
C THR D 40 19.86 -7.02 3.46
N ALA D 41 19.16 -7.70 2.56
CA ALA D 41 19.66 -8.98 2.08
C ALA D 41 19.02 -9.26 0.74
N HIS D 42 19.71 -10.08 -0.07
CA HIS D 42 19.13 -10.68 -1.25
C HIS D 42 18.84 -12.15 -0.92
N ILE D 43 17.73 -12.65 -1.43
CA ILE D 43 17.28 -13.99 -1.10
C ILE D 43 16.83 -14.64 -2.40
N LYS D 44 17.38 -15.84 -2.68
CA LYS D 44 17.00 -16.61 -3.85
C LYS D 44 15.89 -17.61 -3.51
N CYS D 45 14.87 -17.67 -4.36
CA CYS D 45 13.74 -18.58 -4.20
C CYS D 45 13.39 -19.22 -5.54
N GLU D 46 12.76 -20.40 -5.46
CA GLU D 46 12.45 -21.15 -6.67
C GLU D 46 11.45 -20.35 -7.50
N ASP D 47 10.39 -19.84 -6.86
CA ASP D 47 9.41 -19.06 -7.59
C ASP D 47 8.55 -18.21 -6.65
N PRO D 48 7.75 -17.26 -7.20
CA PRO D 48 6.90 -16.40 -6.40
C PRO D 48 5.86 -17.08 -5.52
N THR D 49 5.50 -18.33 -5.76
CA THR D 49 4.52 -19.02 -4.93
C THR D 49 4.91 -18.95 -3.44
N SER D 50 3.91 -18.59 -2.64
CA SER D 50 4.09 -18.42 -1.22
C SER D 50 5.18 -17.38 -0.90
N TYR D 51 5.44 -16.45 -1.82
CA TYR D 51 6.48 -15.47 -1.57
C TYR D 51 6.07 -14.61 -0.36
N MET D 52 4.82 -14.19 -0.30
CA MET D 52 4.31 -13.41 0.82
C MET D 52 4.66 -14.10 2.13
N GLU D 53 4.45 -15.41 2.19
CA GLU D 53 4.69 -16.20 3.39
C GLU D 53 6.19 -16.24 3.73
N VAL D 54 7.03 -16.34 2.71
CA VAL D 54 8.48 -16.46 2.96
C VAL D 54 9.06 -15.08 3.33
N ALA D 55 8.56 -14.01 2.71
CA ALA D 55 8.95 -12.66 3.07
C ALA D 55 8.67 -12.41 4.55
N LYS D 56 7.49 -12.83 5.00
CA LYS D 56 7.06 -12.61 6.37
C LYS D 56 8.00 -13.35 7.34
N THR D 57 8.33 -14.61 7.00
CA THR D 57 9.18 -15.43 7.85
C THR D 57 10.56 -14.77 8.00
N ILE D 58 11.08 -14.29 6.86
CA ILE D 58 12.37 -13.63 6.85
C ILE D 58 12.33 -12.43 7.77
N LYS D 59 11.26 -11.62 7.63
CA LYS D 59 11.14 -10.41 8.42
C LYS D 59 11.12 -10.78 9.92
N ASP D 60 10.45 -11.91 10.25
CA ASP D 60 10.38 -12.38 11.64
C ASP D 60 11.77 -12.71 12.17
N VAL D 61 12.55 -13.39 11.30
CA VAL D 61 13.87 -13.79 11.73
C VAL D 61 14.63 -12.53 12.15
N PHE D 62 14.58 -11.48 11.33
CA PHE D 62 15.29 -10.25 11.63
C PHE D 62 14.74 -9.62 12.91
N HIS D 63 13.40 -9.61 13.03
CA HIS D 63 12.78 -9.02 14.20
C HIS D 63 13.24 -9.72 15.48
N ASN D 64 13.34 -11.06 15.41
CA ASN D 64 13.76 -11.82 16.58
C ASN D 64 15.18 -11.44 17.00
N HIS D 65 15.95 -10.85 16.07
CA HIS D 65 17.28 -10.42 16.42
C HIS D 65 17.30 -8.92 16.72
N GLY D 66 16.12 -8.33 16.97
CA GLY D 66 16.02 -6.92 17.32
C GLY D 66 16.19 -6.00 16.09
N ILE D 67 16.09 -6.55 14.87
CA ILE D 67 16.26 -5.72 13.69
C ILE D 67 14.88 -5.39 13.11
N HIS D 68 14.54 -4.09 13.11
CA HIS D 68 13.15 -3.73 12.83
C HIS D 68 12.99 -2.87 11.60
N ALA D 69 14.05 -2.55 10.88
CA ALA D 69 13.98 -1.92 9.58
C ALA D 69 14.73 -2.83 8.60
N THR D 70 14.02 -3.45 7.65
CA THR D 70 14.70 -4.37 6.73
C THR D 70 14.29 -4.11 5.28
N THR D 71 15.19 -4.46 4.35
CA THR D 71 14.86 -4.35 2.94
C THR D 71 15.34 -5.66 2.32
N ILE D 72 14.40 -6.46 1.82
CA ILE D 72 14.75 -7.78 1.34
C ILE D 72 14.42 -7.90 -0.14
N GLN D 73 15.47 -8.18 -0.93
CA GLN D 73 15.30 -8.31 -2.37
C GLN D 73 15.22 -9.80 -2.73
N PRO D 74 14.06 -10.28 -3.18
CA PRO D 74 13.96 -11.65 -3.64
C PRO D 74 14.47 -11.78 -5.08
N GLU D 75 15.15 -12.89 -5.37
CA GLU D 75 15.45 -13.24 -6.76
C GLU D 75 14.85 -14.62 -7.01
N PHE D 76 14.11 -14.73 -8.11
CA PHE D 76 13.39 -15.96 -8.34
C PHE D 76 13.95 -16.70 -9.55
N ALA D 77 14.05 -18.03 -9.40
CA ALA D 77 14.53 -18.84 -10.51
C ALA D 77 13.48 -18.85 -11.62
N SER D 78 12.19 -19.03 -11.23
CA SER D 78 11.10 -19.35 -12.14
C SER D 78 9.86 -18.49 -11.91
N VAL D 79 8.83 -18.73 -12.75
CA VAL D 79 7.49 -18.15 -12.63
C VAL D 79 7.58 -16.62 -12.71
N GLN E 5 -2.59 -13.42 -32.12
CA GLN E 5 -1.76 -13.86 -30.98
C GLN E 5 -2.62 -14.74 -30.07
N ILE E 6 -3.60 -14.13 -29.40
CA ILE E 6 -4.46 -14.81 -28.45
C ILE E 6 -5.85 -14.97 -29.08
N ASP E 7 -6.76 -15.59 -28.33
CA ASP E 7 -8.13 -15.75 -28.76
C ASP E 7 -9.05 -15.35 -27.62
N ILE E 8 -9.57 -14.12 -27.74
CA ILE E 8 -10.60 -13.45 -26.96
C ILE E 8 -11.82 -14.36 -26.74
N ARG E 9 -12.27 -15.01 -27.83
CA ARG E 9 -13.45 -15.86 -27.78
C ARG E 9 -13.24 -17.05 -26.84
N ASN E 10 -12.09 -17.74 -26.91
CA ASN E 10 -11.74 -18.87 -26.07
C ASN E 10 -11.45 -18.41 -24.63
N LEU E 11 -10.76 -17.27 -24.54
CA LEU E 11 -10.44 -16.66 -23.26
C LEU E 11 -11.73 -16.42 -22.48
N ILE E 12 -12.75 -15.82 -23.13
CA ILE E 12 -13.96 -15.46 -22.41
C ILE E 12 -14.69 -16.72 -21.95
N LYS E 13 -14.63 -17.75 -22.78
CA LYS E 13 -15.21 -19.05 -22.47
C LYS E 13 -14.53 -19.62 -21.22
N GLU E 14 -13.19 -19.64 -21.21
CA GLU E 14 -12.46 -20.18 -20.07
C GLU E 14 -12.79 -19.38 -18.81
N LEU E 15 -12.93 -18.06 -18.94
CA LEU E 15 -13.23 -17.20 -17.78
C LEU E 15 -14.64 -17.51 -17.26
N ARG E 16 -15.61 -17.63 -18.17
CA ARG E 16 -17.00 -17.95 -17.81
C ARG E 16 -17.05 -19.34 -17.19
N ASN E 17 -16.03 -20.14 -17.49
CA ASN E 17 -16.02 -21.54 -17.09
C ASN E 17 -15.49 -21.71 -15.68
N VAL E 18 -14.90 -20.64 -15.11
CA VAL E 18 -14.36 -20.73 -13.77
C VAL E 18 -15.52 -20.84 -12.78
N GLU E 19 -15.47 -21.87 -11.92
CA GLU E 19 -16.48 -22.05 -10.89
C GLU E 19 -16.57 -20.81 -10.03
N GLY E 20 -17.81 -20.33 -9.83
CA GLY E 20 -18.12 -19.14 -9.05
C GLY E 20 -18.34 -17.92 -9.95
N VAL E 21 -17.93 -18.02 -11.22
CA VAL E 21 -18.08 -16.86 -12.09
C VAL E 21 -19.48 -16.85 -12.69
N GLU E 22 -20.26 -15.82 -12.37
CA GLU E 22 -21.66 -15.73 -12.75
C GLU E 22 -21.82 -15.03 -14.09
N GLU E 23 -20.90 -14.13 -14.42
CA GLU E 23 -20.98 -13.39 -15.66
C GLU E 23 -19.65 -12.71 -15.89
N VAL E 24 -19.29 -12.57 -17.16
CA VAL E 24 -18.14 -11.83 -17.61
C VAL E 24 -18.64 -10.89 -18.69
N HIS E 25 -18.35 -9.59 -18.54
CA HIS E 25 -18.62 -8.64 -19.61
C HIS E 25 -17.47 -7.64 -19.68
N GLU E 26 -17.49 -6.83 -20.74
CA GLU E 26 -16.53 -5.76 -20.94
C GLU E 26 -15.11 -6.31 -20.87
N LEU E 27 -14.91 -7.50 -21.46
CA LEU E 27 -13.56 -8.04 -21.53
C LEU E 27 -12.84 -7.33 -22.67
N HIS E 28 -11.66 -6.76 -22.39
CA HIS E 28 -10.84 -6.17 -23.43
C HIS E 28 -9.40 -6.62 -23.26
N VAL E 29 -8.76 -6.93 -24.39
CA VAL E 29 -7.35 -7.27 -24.38
C VAL E 29 -6.63 -6.29 -25.29
N TRP E 30 -5.62 -5.60 -24.75
CA TRP E 30 -4.87 -4.59 -25.49
C TRP E 30 -3.43 -5.04 -25.67
N GLN E 31 -2.92 -4.80 -26.89
CA GLN E 31 -1.50 -4.91 -27.19
C GLN E 31 -0.87 -3.52 -27.11
N LEU E 32 -0.09 -3.26 -26.05
CA LEU E 32 0.69 -2.05 -25.95
C LEU E 32 2.04 -2.30 -26.64
N ALA E 33 2.63 -1.22 -27.17
CA ALA E 33 3.92 -1.30 -27.83
C ALA E 33 4.92 -2.00 -26.92
N GLY E 34 5.93 -2.62 -27.53
CA GLY E 34 6.93 -3.40 -26.80
C GLY E 34 6.31 -4.61 -26.09
N SER E 35 5.35 -5.26 -26.76
CA SER E 35 5.02 -6.66 -26.48
C SER E 35 4.14 -6.87 -25.25
N ARG E 36 3.77 -5.76 -24.57
CA ARG E 36 3.09 -5.80 -23.28
C ARG E 36 1.58 -5.89 -23.47
N ILE E 37 1.00 -7.04 -23.12
CA ILE E 37 -0.44 -7.28 -23.27
C ILE E 37 -1.13 -7.05 -21.93
N ILE E 38 -2.19 -6.21 -21.95
CA ILE E 38 -2.98 -5.87 -20.79
C ILE E 38 -4.41 -6.37 -21.05
N ALA E 39 -5.13 -6.73 -19.98
CA ALA E 39 -6.51 -7.15 -20.11
C ALA E 39 -7.37 -6.58 -18.98
N THR E 40 -8.60 -6.21 -19.32
CA THR E 40 -9.54 -5.69 -18.34
C THR E 40 -10.87 -6.42 -18.48
N ALA E 41 -11.60 -6.55 -17.37
CA ALA E 41 -12.87 -7.25 -17.46
C ALA E 41 -13.70 -6.92 -16.24
N HIS E 42 -15.03 -6.99 -16.41
CA HIS E 42 -15.95 -7.00 -15.29
C HIS E 42 -16.38 -8.44 -15.05
N ILE E 43 -16.38 -8.84 -13.78
CA ILE E 43 -16.70 -10.22 -13.46
C ILE E 43 -17.69 -10.22 -12.30
N LYS E 44 -18.84 -10.87 -12.53
CA LYS E 44 -19.88 -10.98 -11.53
C LYS E 44 -19.72 -12.27 -10.75
N CYS E 45 -19.85 -12.16 -9.41
CA CYS E 45 -19.98 -13.30 -8.51
C CYS E 45 -21.19 -13.11 -7.61
N GLU E 46 -21.53 -14.16 -6.85
CA GLU E 46 -22.60 -14.10 -5.87
CA GLU E 46 -22.61 -14.09 -5.88
C GLU E 46 -22.35 -12.95 -4.89
N ASP E 47 -21.12 -12.87 -4.36
CA ASP E 47 -20.82 -11.92 -3.30
C ASP E 47 -19.31 -11.78 -3.14
N PRO E 48 -18.86 -10.80 -2.31
CA PRO E 48 -17.43 -10.57 -2.10
C PRO E 48 -16.64 -11.82 -1.74
N THR E 49 -17.21 -12.71 -0.91
CA THR E 49 -16.51 -13.89 -0.45
C THR E 49 -16.20 -14.81 -1.64
N SER E 50 -17.19 -15.03 -2.51
CA SER E 50 -17.00 -15.89 -3.67
C SER E 50 -15.90 -15.34 -4.57
N TYR E 51 -15.89 -14.01 -4.69
CA TYR E 51 -14.93 -13.35 -5.55
C TYR E 51 -13.49 -13.63 -5.04
N MET E 52 -13.28 -13.49 -3.72
CA MET E 52 -11.95 -13.69 -3.16
C MET E 52 -11.44 -15.08 -3.56
N GLU E 53 -12.34 -16.07 -3.48
CA GLU E 53 -12.00 -17.45 -3.81
C GLU E 53 -11.59 -17.60 -5.27
N VAL E 54 -12.28 -16.88 -6.18
CA VAL E 54 -12.09 -17.13 -7.60
C VAL E 54 -11.05 -16.16 -8.19
N ALA E 55 -10.61 -15.17 -7.42
CA ALA E 55 -9.73 -14.14 -7.96
C ALA E 55 -8.45 -14.74 -8.52
N LYS E 56 -7.88 -15.67 -7.74
CA LYS E 56 -6.62 -16.33 -8.09
C LYS E 56 -6.79 -17.11 -9.39
N THR E 57 -7.90 -17.86 -9.50
CA THR E 57 -8.17 -18.70 -10.66
C THR E 57 -8.25 -17.82 -11.90
N ILE E 58 -8.95 -16.69 -11.76
CA ILE E 58 -9.14 -15.79 -12.87
C ILE E 58 -7.76 -15.29 -13.32
N LYS E 59 -6.93 -14.88 -12.36
CA LYS E 59 -5.61 -14.37 -12.66
C LYS E 59 -4.81 -15.43 -13.44
N ASP E 60 -4.96 -16.69 -13.03
CA ASP E 60 -4.27 -17.80 -13.67
C ASP E 60 -4.73 -17.94 -15.12
N VAL E 61 -6.05 -17.82 -15.33
CA VAL E 61 -6.60 -17.98 -16.67
C VAL E 61 -5.89 -16.99 -17.58
N PHE E 62 -5.75 -15.74 -17.13
CA PHE E 62 -5.10 -14.71 -17.93
C PHE E 62 -3.64 -15.05 -18.15
N HIS E 63 -2.99 -15.48 -17.06
CA HIS E 63 -1.57 -15.84 -17.11
C HIS E 63 -1.33 -16.95 -18.14
N ASN E 64 -2.25 -17.93 -18.18
CA ASN E 64 -2.12 -19.05 -19.11
C ASN E 64 -2.11 -18.55 -20.55
N HIS E 65 -2.68 -17.35 -20.77
CA HIS E 65 -2.70 -16.83 -22.12
C HIS E 65 -1.60 -15.81 -22.31
N GLY E 66 -0.61 -15.79 -21.40
CA GLY E 66 0.51 -14.87 -21.51
C GLY E 66 0.15 -13.44 -21.10
N ILE E 67 -0.98 -13.26 -20.40
CA ILE E 67 -1.36 -11.92 -19.98
C ILE E 67 -0.97 -11.72 -18.52
N HIS E 68 -0.10 -10.72 -18.28
CA HIS E 68 0.52 -10.53 -16.98
C HIS E 68 -0.06 -9.35 -16.21
N ALA E 69 -0.68 -8.40 -16.91
CA ALA E 69 -1.22 -7.20 -16.30
C ALA E 69 -2.72 -7.15 -16.51
N THR E 70 -3.48 -7.22 -15.41
CA THR E 70 -4.94 -7.20 -15.53
C THR E 70 -5.60 -6.14 -14.63
N THR E 71 -6.79 -5.70 -15.01
CA THR E 71 -7.62 -4.89 -14.14
C THR E 71 -8.99 -5.55 -14.13
N ILE E 72 -9.40 -6.02 -12.95
CA ILE E 72 -10.63 -6.75 -12.85
C ILE E 72 -11.61 -6.01 -11.95
N GLN E 73 -12.77 -5.68 -12.48
CA GLN E 73 -13.84 -5.10 -11.69
C GLN E 73 -14.82 -6.17 -11.25
N PRO E 74 -14.87 -6.48 -9.95
CA PRO E 74 -15.86 -7.44 -9.47
C PRO E 74 -17.21 -6.78 -9.29
N GLU E 75 -18.27 -7.50 -9.68
CA GLU E 75 -19.64 -7.07 -9.44
C GLU E 75 -20.35 -8.21 -8.70
N PHE E 76 -21.36 -7.86 -7.89
CA PHE E 76 -21.95 -8.84 -6.98
C PHE E 76 -23.45 -8.95 -7.19
N ALA E 77 -24.04 -10.05 -6.71
CA ALA E 77 -25.50 -10.13 -6.62
C ALA E 77 -25.91 -10.13 -5.15
N ILE F 6 -26.53 11.37 14.55
CA ILE F 6 -25.90 10.26 15.34
C ILE F 6 -26.02 10.63 16.81
N ASP F 7 -25.61 9.69 17.67
CA ASP F 7 -25.61 9.91 19.11
C ASP F 7 -24.28 9.44 19.67
N ILE F 8 -23.39 10.44 19.84
CA ILE F 8 -22.14 10.49 20.58
C ILE F 8 -22.21 9.76 21.91
N ARG F 9 -23.26 10.04 22.68
CA ARG F 9 -23.43 9.47 24.01
C ARG F 9 -23.54 7.94 23.96
N ASN F 10 -24.38 7.41 23.05
CA ASN F 10 -24.55 5.96 22.90
C ASN F 10 -23.33 5.31 22.24
N LEU F 11 -22.78 6.06 21.28
CA LEU F 11 -21.58 5.63 20.58
C LEU F 11 -20.46 5.37 21.58
N ILE F 12 -20.23 6.32 22.50
CA ILE F 12 -19.11 6.20 23.43
C ILE F 12 -19.34 5.02 24.36
N LYS F 13 -20.60 4.81 24.74
CA LYS F 13 -20.98 3.70 25.59
C LYS F 13 -20.64 2.37 24.88
N GLU F 14 -21.07 2.25 23.63
CA GLU F 14 -20.81 1.03 22.88
C GLU F 14 -19.31 0.81 22.72
N LEU F 15 -18.55 1.90 22.51
CA LEU F 15 -17.11 1.78 22.33
C LEU F 15 -16.45 1.32 23.62
N ARG F 16 -16.86 1.92 24.76
CA ARG F 16 -16.32 1.58 26.07
C ARG F 16 -16.66 0.13 26.38
N ASN F 17 -17.73 -0.36 25.73
CA ASN F 17 -18.24 -1.69 26.03
C ASN F 17 -17.45 -2.78 25.29
N VAL F 18 -16.65 -2.40 24.30
CA VAL F 18 -15.95 -3.38 23.49
C VAL F 18 -14.89 -4.08 24.33
N GLU F 19 -14.92 -5.42 24.34
CA GLU F 19 -13.90 -6.26 24.94
C GLU F 19 -12.52 -5.84 24.47
N GLY F 20 -11.63 -5.57 25.43
CA GLY F 20 -10.24 -5.18 25.18
C GLY F 20 -10.04 -3.67 25.26
N VAL F 21 -11.13 -2.91 25.23
CA VAL F 21 -10.99 -1.46 25.29
C VAL F 21 -10.94 -1.02 26.75
N GLU F 22 -9.80 -0.49 27.18
CA GLU F 22 -9.56 -0.18 28.59
C GLU F 22 -9.99 1.24 28.90
N GLU F 23 -9.95 2.14 27.91
CA GLU F 23 -10.36 3.53 28.10
C GLU F 23 -10.47 4.19 26.74
N VAL F 24 -11.32 5.22 26.63
CA VAL F 24 -11.57 5.95 25.41
C VAL F 24 -11.48 7.44 25.75
N HIS F 25 -10.74 8.23 24.96
CA HIS F 25 -10.78 9.69 25.04
C HIS F 25 -10.66 10.27 23.62
N GLU F 26 -10.84 11.60 23.52
CA GLU F 26 -10.64 12.32 22.28
C GLU F 26 -11.49 11.73 21.16
N LEU F 27 -12.73 11.34 21.47
CA LEU F 27 -13.63 10.91 20.41
C LEU F 27 -14.15 12.13 19.68
N HIS F 28 -14.03 12.17 18.35
CA HIS F 28 -14.61 13.24 17.55
C HIS F 28 -15.31 12.65 16.33
N VAL F 29 -16.47 13.22 15.98
CA VAL F 29 -17.17 12.82 14.77
C VAL F 29 -17.36 14.06 13.91
N TRP F 30 -16.92 14.03 12.66
CA TRP F 30 -17.00 15.16 11.75
C TRP F 30 -17.89 14.84 10.56
N GLN F 31 -18.63 15.86 10.12
CA GLN F 31 -19.34 15.85 8.84
C GLN F 31 -18.49 16.59 7.79
N LEU F 32 -17.92 15.83 6.85
CA LEU F 32 -17.29 16.44 5.68
C LEU F 32 -18.35 16.65 4.61
N ALA F 33 -18.14 17.67 3.76
CA ALA F 33 -19.05 17.98 2.67
C ALA F 33 -19.29 16.72 1.84
N GLY F 34 -20.44 16.66 1.17
CA GLY F 34 -20.85 15.50 0.42
C GLY F 34 -21.04 14.26 1.30
N SER F 35 -21.60 14.47 2.50
CA SER F 35 -22.30 13.43 3.23
C SER F 35 -21.37 12.47 4.00
N ARG F 36 -20.05 12.66 3.88
CA ARG F 36 -19.05 11.73 4.37
C ARG F 36 -18.71 12.01 5.83
N ILE F 37 -19.09 11.09 6.72
CA ILE F 37 -18.86 11.23 8.15
C ILE F 37 -17.59 10.46 8.54
N ILE F 38 -16.68 11.15 9.24
CA ILE F 38 -15.42 10.62 9.70
C ILE F 38 -15.42 10.66 11.23
N ALA F 39 -14.71 9.72 11.86
CA ALA F 39 -14.62 9.70 13.31
C ALA F 39 -13.22 9.29 13.76
N THR F 40 -12.74 9.91 14.83
CA THR F 40 -11.41 9.64 15.38
C THR F 40 -11.53 9.41 16.87
N ALA F 41 -10.61 8.62 17.43
CA ALA F 41 -10.67 8.36 18.86
C ALA F 41 -9.33 7.81 19.31
N HIS F 42 -8.98 8.06 20.58
CA HIS F 42 -7.85 7.41 21.21
C HIS F 42 -8.38 6.33 22.13
N ILE F 43 -7.72 5.19 22.12
CA ILE F 43 -8.20 4.01 22.80
C ILE F 43 -7.02 3.37 23.53
N LYS F 44 -7.22 3.09 24.82
CA LYS F 44 -6.23 2.40 25.64
C LYS F 44 -6.46 0.88 25.60
N CYS F 45 -5.39 0.13 25.36
CA CYS F 45 -5.48 -1.29 25.02
CA CYS F 45 -5.46 -1.29 25.01
C CYS F 45 -4.23 -1.97 25.56
N GLU F 46 -4.33 -3.29 25.83
CA GLU F 46 -3.28 -3.97 26.58
C GLU F 46 -1.95 -3.90 25.83
N ASP F 47 -1.96 -4.26 24.55
CA ASP F 47 -0.73 -4.37 23.77
C ASP F 47 -1.05 -4.46 22.27
N PRO F 48 -0.03 -4.39 21.37
CA PRO F 48 -0.29 -4.45 19.93
C PRO F 48 -1.20 -5.60 19.47
N THR F 49 -1.00 -6.79 20.06
CA THR F 49 -1.73 -7.98 19.64
C THR F 49 -3.21 -7.81 19.95
N SER F 50 -3.53 -7.32 21.17
CA SER F 50 -4.91 -7.12 21.57
C SER F 50 -5.58 -6.12 20.64
N TYR F 51 -4.81 -5.09 20.24
CA TYR F 51 -5.35 -4.04 19.41
C TYR F 51 -5.77 -4.61 18.06
N MET F 52 -4.95 -5.49 17.46
CA MET F 52 -5.29 -6.06 16.16
C MET F 52 -6.65 -6.73 16.25
N GLU F 53 -6.85 -7.46 17.35
CA GLU F 53 -8.09 -8.20 17.59
C GLU F 53 -9.28 -7.26 17.71
N VAL F 54 -9.10 -6.11 18.37
CA VAL F 54 -10.24 -5.26 18.71
C VAL F 54 -10.46 -4.20 17.64
N ALA F 55 -9.50 -4.02 16.71
CA ALA F 55 -9.64 -2.98 15.72
C ALA F 55 -10.92 -3.18 14.90
N LYS F 56 -11.15 -4.44 14.49
CA LYS F 56 -12.28 -4.78 13.67
C LYS F 56 -13.59 -4.50 14.42
N THR F 57 -13.65 -4.88 15.70
CA THR F 57 -14.86 -4.69 16.50
C THR F 57 -15.19 -3.21 16.58
N ILE F 58 -14.14 -2.42 16.83
CA ILE F 58 -14.31 -0.99 16.96
C ILE F 58 -14.87 -0.44 15.66
N LYS F 59 -14.27 -0.86 14.54
CA LYS F 59 -14.68 -0.39 13.23
C LYS F 59 -16.16 -0.74 13.01
N ASP F 60 -16.58 -1.91 13.46
CA ASP F 60 -17.98 -2.35 13.34
C ASP F 60 -18.90 -1.42 14.12
N VAL F 61 -18.46 -1.08 15.34
CA VAL F 61 -19.28 -0.23 16.19
C VAL F 61 -19.59 1.05 15.40
N PHE F 62 -18.55 1.63 14.78
CA PHE F 62 -18.70 2.87 14.05
C PHE F 62 -19.59 2.63 12.83
N HIS F 63 -19.36 1.51 12.14
CA HIS F 63 -20.12 1.17 10.94
C HIS F 63 -21.61 1.08 11.28
N ASN F 64 -21.93 0.51 12.46
CA ASN F 64 -23.32 0.40 12.89
C ASN F 64 -23.97 1.77 13.01
N HIS F 65 -23.16 2.82 13.16
CA HIS F 65 -23.72 4.16 13.26
C HIS F 65 -23.57 4.88 11.92
N GLY F 66 -23.30 4.14 10.84
CA GLY F 66 -23.17 4.73 9.51
C GLY F 66 -21.82 5.44 9.31
N ILE F 67 -20.83 5.18 10.17
CA ILE F 67 -19.55 5.85 10.03
C ILE F 67 -18.56 4.90 9.37
N HIS F 68 -18.05 5.30 8.20
CA HIS F 68 -17.28 4.37 7.37
C HIS F 68 -15.78 4.66 7.34
N ALA F 69 -15.36 5.86 7.75
CA ALA F 69 -13.95 6.21 7.78
C ALA F 69 -13.56 6.57 9.22
N THR F 70 -12.62 5.83 9.79
CA THR F 70 -12.21 6.08 11.17
C THR F 70 -10.69 6.16 11.32
N THR F 71 -10.23 6.89 12.34
CA THR F 71 -8.82 6.86 12.68
C THR F 71 -8.75 6.61 14.17
N ILE F 72 -8.19 5.47 14.55
CA ILE F 72 -8.14 5.10 15.95
C ILE F 72 -6.69 5.01 16.40
N GLN F 73 -6.36 5.82 17.41
CA GLN F 73 -5.03 5.81 17.96
C GLN F 73 -4.99 4.92 19.20
N PRO F 74 -4.28 3.78 19.14
CA PRO F 74 -4.14 2.94 20.31
C PRO F 74 -3.05 3.48 21.23
N GLU F 75 -3.32 3.43 22.54
CA GLU F 75 -2.29 3.71 23.54
C GLU F 75 -2.19 2.45 24.40
N PHE F 76 -0.98 1.89 24.50
CA PHE F 76 -0.68 0.63 25.19
C PHE F 76 0.00 0.91 26.54
#